data_4UCU
#
_entry.id   4UCU
#
_cell.length_a   139.147
_cell.length_b   139.147
_cell.length_c   56.124
_cell.angle_alpha   90.00
_cell.angle_beta   90.00
_cell.angle_gamma   90.00
#
_symmetry.space_group_name_H-M   'P 43 21 2'
#
loop_
_entity.id
_entity.type
_entity.pdbx_description
1 polymer 'DNA LIGASE'
2 non-polymer '8-hydroxyquinoline-2-carboxylic acid'
3 non-polymer 1-(2,4-dimethylbenzyl)-6-oxo-1,6-dihydropyridine-3-carboxamide
4 water water
#
_entity_poly.entity_id   1
_entity_poly.type   'polypeptide(L)'
_entity_poly.pdbx_seq_one_letter_code
;MTNIQTQLDNLRKTLRQYEYEYHVLDNPSVPDSEYDRLFHQLKALELEHPEFLTSDSPTQRVGAKPLSGFSQIRHEIPML
SLDNAFSDAEFNAFVKRIEDRLILLPKPLTFCCEPKLDGLAVSILYVNGELTQAATRGDGTTGEDITANIRTIRNVPLQL
LTDNPPARLEVRGEVFMPHAGFERLNKYALEHNEKTFANPRNAAAGSLRQLDPNITSKRPLVLNAYGIGIAEGVDLPTTH
YARLQWLKSIGIPVNPEIRLCNGADEVLGFYRDIQNKRSSLGYDIDGTVLKINDIALQNELGFISKAPRWAIAYKFPAQE
ELTL
;
_entity_poly.pdbx_strand_id   A
#
# COMPACT_ATOMS: atom_id res chain seq x y z
N MET A 1 37.34 3.95 7.84
CA MET A 1 36.84 3.76 6.47
C MET A 1 37.55 2.59 5.78
N THR A 2 36.79 1.83 4.98
CA THR A 2 37.33 0.72 4.18
C THR A 2 36.71 0.77 2.83
N ASN A 3 37.41 0.31 1.84
CA ASN A 3 36.90 0.25 0.51
C ASN A 3 35.64 -0.62 0.40
N ILE A 4 35.61 -1.76 1.10
CA ILE A 4 34.50 -2.69 0.94
C ILE A 4 33.22 -2.09 1.58
N GLN A 5 33.30 -1.43 2.74
CA GLN A 5 32.13 -0.76 3.32
C GLN A 5 31.55 0.30 2.39
N THR A 6 32.41 1.06 1.67
CA THR A 6 31.98 2.09 0.72
C THR A 6 31.36 1.45 -0.49
N GLN A 7 31.95 0.35 -0.96
CA GLN A 7 31.39 -0.36 -2.09
C GLN A 7 29.98 -0.90 -1.74
N LEU A 8 29.78 -1.42 -0.51
CA LEU A 8 28.46 -1.90 -0.06
C LEU A 8 27.42 -0.80 0.03
N ASP A 9 27.79 0.34 0.64
CA ASP A 9 26.94 1.52 0.77
C ASP A 9 26.50 1.99 -0.59
N ASN A 10 27.45 2.12 -1.53
CA ASN A 10 27.14 2.57 -2.87
C ASN A 10 26.22 1.60 -3.61
N LEU A 11 26.43 0.30 -3.44
CA LEU A 11 25.61 -0.72 -4.09
C LEU A 11 24.22 -0.66 -3.57
N ARG A 12 24.07 -0.57 -2.24
CA ARG A 12 22.74 -0.51 -1.63
C ARG A 12 21.98 0.73 -2.05
N LYS A 13 22.65 1.89 -2.05
CA LYS A 13 22.02 3.16 -2.45
C LYS A 13 21.51 3.07 -3.89
N THR A 14 22.35 2.61 -4.78
CA THR A 14 22.06 2.44 -6.20
C THR A 14 20.89 1.51 -6.42
N LEU A 15 20.95 0.32 -5.80
CA LEU A 15 19.91 -0.70 -5.90
C LEU A 15 18.58 -0.19 -5.36
N ARG A 16 18.57 0.52 -4.23
CA ARG A 16 17.31 1.09 -3.72
C ARG A 16 16.70 2.11 -4.67
N GLN A 17 17.56 2.92 -5.28
CA GLN A 17 17.12 3.92 -6.26
C GLN A 17 16.59 3.22 -7.52
N TYR A 18 17.28 2.20 -8.04
CA TYR A 18 16.73 1.50 -9.22
C TYR A 18 15.37 0.81 -8.91
N GLU A 19 15.22 0.26 -7.73
CA GLU A 19 13.93 -0.33 -7.29
C GLU A 19 12.83 0.70 -7.25
N TYR A 20 13.16 1.90 -6.80
CA TYR A 20 12.21 3.00 -6.77
C TYR A 20 11.76 3.34 -8.17
N GLU A 21 12.71 3.54 -9.09
CA GLU A 21 12.43 3.86 -10.49
C GLU A 21 11.62 2.77 -11.21
N TYR A 22 11.97 1.52 -10.98
CA TYR A 22 11.26 0.41 -11.60
C TYR A 22 9.85 0.21 -11.03
N HIS A 23 9.75 0.16 -9.73
CA HIS A 23 8.47 -0.15 -9.07
C HIS A 23 7.54 1.04 -8.90
N VAL A 24 8.06 2.17 -8.39
CA VAL A 24 7.18 3.32 -8.10
C VAL A 24 6.97 4.25 -9.31
N LEU A 25 8.04 4.64 -9.97
CA LEU A 25 7.95 5.53 -11.15
C LEU A 25 7.54 4.83 -12.43
N ASP A 26 7.72 3.50 -12.51
CA ASP A 26 7.45 2.73 -13.74
C ASP A 26 8.27 3.31 -14.92
N ASN A 27 9.51 3.70 -14.62
CA ASN A 27 10.41 4.31 -15.56
C ASN A 27 11.83 3.95 -15.12
N PRO A 28 12.22 2.66 -15.22
CA PRO A 28 13.58 2.29 -14.81
C PRO A 28 14.64 2.96 -15.67
N SER A 29 15.78 3.35 -15.07
CA SER A 29 16.83 3.99 -15.86
C SER A 29 17.84 2.99 -16.39
N VAL A 30 17.78 1.70 -15.98
CA VAL A 30 18.69 0.69 -16.49
C VAL A 30 17.92 -0.59 -16.79
N PRO A 31 18.46 -1.47 -17.66
CA PRO A 31 17.77 -2.74 -17.93
C PRO A 31 17.77 -3.63 -16.71
N ASP A 32 16.86 -4.60 -16.70
CA ASP A 32 16.77 -5.60 -15.62
C ASP A 32 18.07 -6.31 -15.38
N SER A 33 18.80 -6.60 -16.43
CA SER A 33 20.11 -7.22 -16.32
C SER A 33 21.12 -6.42 -15.51
N GLU A 34 21.16 -5.10 -15.68
CA GLU A 34 22.07 -4.25 -14.93
C GLU A 34 21.73 -4.26 -13.45
N TYR A 35 20.45 -4.18 -13.13
CA TYR A 35 20.02 -4.29 -11.75
C TYR A 35 20.48 -5.62 -11.14
N ASP A 36 20.32 -6.70 -11.91
CA ASP A 36 20.70 -8.03 -11.41
C ASP A 36 22.22 -8.18 -11.22
N ARG A 37 23.03 -7.64 -12.15
CA ARG A 37 24.48 -7.59 -12.04
C ARG A 37 24.89 -7.04 -10.69
N LEU A 38 24.33 -5.89 -10.31
CA LEU A 38 24.66 -5.25 -9.06
C LEU A 38 24.07 -5.94 -7.88
N PHE A 39 22.86 -6.48 -8.02
CA PHE A 39 22.22 -7.16 -6.93
C PHE A 39 23.05 -8.37 -6.48
N HIS A 40 23.49 -9.26 -7.40
CA HIS A 40 24.24 -10.43 -6.95
CA HIS A 40 24.30 -10.44 -7.07
C HIS A 40 25.72 -10.06 -6.66
N GLN A 41 26.20 -8.89 -7.12
CA GLN A 41 27.54 -8.41 -6.70
C GLN A 41 27.45 -8.01 -5.21
N LEU A 42 26.38 -7.33 -4.82
CA LEU A 42 26.15 -6.96 -3.41
C LEU A 42 25.97 -8.19 -2.55
N LYS A 43 25.12 -9.12 -2.99
CA LYS A 43 24.91 -10.37 -2.25
C LYS A 43 26.23 -11.13 -2.03
N ALA A 44 27.05 -11.29 -3.07
CA ALA A 44 28.32 -12.00 -2.89
C ALA A 44 29.29 -11.29 -1.93
N LEU A 45 29.40 -9.97 -2.03
CA LEU A 45 30.27 -9.17 -1.16
C LEU A 45 29.84 -9.26 0.26
N GLU A 46 28.55 -9.14 0.51
CA GLU A 46 28.00 -9.26 1.87
C GLU A 46 28.31 -10.61 2.45
N LEU A 47 28.25 -11.69 1.63
CA LEU A 47 28.50 -13.04 2.14
C LEU A 47 29.99 -13.25 2.41
N GLU A 48 30.85 -12.61 1.61
CA GLU A 48 32.29 -12.67 1.83
C GLU A 48 32.78 -11.74 2.99
N HIS A 49 31.95 -10.78 3.43
CA HIS A 49 32.23 -9.81 4.52
C HIS A 49 30.97 -9.66 5.36
N PRO A 50 30.60 -10.74 6.07
CA PRO A 50 29.33 -10.72 6.85
C PRO A 50 29.25 -9.70 7.98
N GLU A 51 30.41 -9.15 8.39
CA GLU A 51 30.48 -8.11 9.38
C GLU A 51 29.70 -6.86 8.95
N PHE A 52 29.62 -6.61 7.64
CA PHE A 52 28.91 -5.46 7.10
C PHE A 52 27.53 -5.80 6.52
N LEU A 53 26.93 -6.95 6.91
CA LEU A 53 25.60 -7.30 6.45
C LEU A 53 24.57 -6.55 7.30
N THR A 54 23.63 -5.84 6.65
CA THR A 54 22.54 -5.13 7.31
C THR A 54 21.20 -5.83 7.00
N SER A 55 20.27 -5.73 7.96
CA SER A 55 18.97 -6.37 7.95
C SER A 55 18.02 -5.76 6.93
N ASP A 56 18.26 -4.50 6.54
CA ASP A 56 17.44 -3.81 5.55
C ASP A 56 18.17 -3.69 4.23
N SER A 57 19.20 -4.49 4.02
CA SER A 57 19.87 -4.45 2.73
C SER A 57 18.90 -5.04 1.68
N PRO A 58 18.99 -4.65 0.38
CA PRO A 58 18.08 -5.21 -0.65
C PRO A 58 18.14 -6.71 -0.87
N THR A 59 19.22 -7.37 -0.45
CA THR A 59 19.41 -8.82 -0.56
C THR A 59 18.81 -9.57 0.60
N GLN A 60 18.26 -8.87 1.61
CA GLN A 60 17.76 -9.52 2.82
C GLN A 60 16.26 -9.60 2.93
N ARG A 61 15.54 -9.67 1.83
CA ARG A 61 14.08 -9.76 1.95
C ARG A 61 13.51 -11.05 2.46
N VAL A 62 14.14 -12.19 2.16
CA VAL A 62 13.55 -13.49 2.49
C VAL A 62 14.22 -14.13 3.69
N GLY A 63 13.44 -14.36 4.74
CA GLY A 63 13.88 -15.08 5.92
C GLY A 63 14.04 -16.55 5.55
N ALA A 64 15.29 -17.05 5.64
CA ALA A 64 15.70 -18.44 5.28
C ALA A 64 14.94 -19.59 6.02
N LYS A 65 14.33 -19.29 7.20
CA LYS A 65 13.61 -20.26 8.04
C LYS A 65 12.07 -20.04 8.03
N PRO A 66 11.28 -21.07 7.64
CA PRO A 66 9.81 -20.93 7.73
C PRO A 66 9.32 -20.71 9.17
N LEU A 67 8.33 -19.84 9.37
CA LEU A 67 7.76 -19.56 10.70
C LEU A 67 6.94 -20.75 11.23
N SER A 68 6.70 -20.75 12.56
CA SER A 68 5.89 -21.77 13.23
C SER A 68 4.42 -21.31 13.38
N GLY A 69 4.21 -20.03 13.72
CA GLY A 69 2.88 -19.44 13.88
C GLY A 69 2.86 -17.92 13.97
N PHE A 70 1.86 -17.26 13.35
CA PHE A 70 1.76 -15.79 13.37
C PHE A 70 1.33 -15.23 14.73
N SER A 71 2.09 -14.27 15.26
CA SER A 71 1.73 -13.58 16.51
C SER A 71 0.62 -12.55 16.22
N GLN A 72 -0.15 -12.16 17.22
CA GLN A 72 -1.23 -11.19 17.05
C GLN A 72 -0.75 -9.80 17.40
N ILE A 73 -1.18 -8.79 16.63
CA ILE A 73 -0.82 -7.39 16.85
C ILE A 73 -2.09 -6.61 17.02
N ARG A 74 -2.15 -5.75 18.05
CA ARG A 74 -3.27 -4.84 18.26
C ARG A 74 -2.85 -3.53 17.63
N HIS A 75 -3.68 -2.96 16.75
CA HIS A 75 -3.33 -1.71 16.07
C HIS A 75 -3.43 -0.55 17.05
N GLU A 76 -2.43 0.34 17.06
CA GLU A 76 -2.43 1.53 17.90
C GLU A 76 -3.58 2.42 17.48
N ILE A 77 -3.75 2.60 16.16
CA ILE A 77 -4.87 3.36 15.59
C ILE A 77 -5.72 2.31 14.87
N PRO A 78 -7.04 2.21 15.11
CA PRO A 78 -7.81 1.17 14.42
C PRO A 78 -7.95 1.39 12.93
N MET A 79 -8.09 0.29 12.21
CA MET A 79 -8.26 0.31 10.75
C MET A 79 -9.75 0.26 10.44
N LEU A 80 -10.28 1.35 9.94
CA LEU A 80 -11.70 1.48 9.67
C LEU A 80 -12.13 0.89 8.34
N SER A 81 -13.45 0.79 8.18
CA SER A 81 -14.09 0.28 6.98
C SER A 81 -14.64 1.45 6.25
N LEU A 82 -15.06 1.22 5.03
CA LEU A 82 -15.63 2.26 4.19
C LEU A 82 -17.13 2.02 4.03
N ASP A 83 -17.88 3.11 4.01
CA ASP A 83 -19.29 3.11 3.68
C ASP A 83 -19.29 2.85 2.17
N ASN A 84 -20.36 2.33 1.62
CA ASN A 84 -20.44 2.03 0.20
C ASN A 84 -21.70 2.59 -0.41
N ALA A 85 -21.62 2.75 -1.73
CA ALA A 85 -22.72 3.23 -2.58
C ALA A 85 -22.79 2.35 -3.80
N PHE A 86 -23.96 2.34 -4.46
CA PHE A 86 -24.20 1.47 -5.61
C PHE A 86 -24.83 2.17 -6.81
N SER A 87 -24.94 3.50 -6.77
CA SER A 87 -25.57 4.25 -7.85
C SER A 87 -25.21 5.70 -7.77
N ASP A 88 -25.40 6.42 -8.89
CA ASP A 88 -25.16 7.87 -9.00
C ASP A 88 -26.06 8.61 -8.05
N ALA A 89 -27.37 8.24 -8.02
CA ALA A 89 -28.37 8.84 -7.12
C ALA A 89 -27.91 8.69 -5.67
N GLU A 90 -27.48 7.48 -5.28
CA GLU A 90 -26.98 7.21 -3.92
C GLU A 90 -25.73 8.05 -3.59
N PHE A 91 -24.76 8.11 -4.52
CA PHE A 91 -23.56 8.95 -4.33
C PHE A 91 -23.96 10.44 -4.21
N ASN A 92 -24.90 10.88 -5.06
CA ASN A 92 -25.36 12.26 -5.01
C ASN A 92 -25.99 12.59 -3.67
N ALA A 93 -26.75 11.63 -3.11
CA ALA A 93 -27.38 11.78 -1.78
C ALA A 93 -26.32 11.87 -0.66
N PHE A 94 -25.22 11.10 -0.80
CA PHE A 94 -24.09 11.13 0.13
C PHE A 94 -23.41 12.51 0.16
N VAL A 95 -23.17 13.09 -1.02
CA VAL A 95 -22.57 14.43 -1.13
C VAL A 95 -23.54 15.49 -0.58
N LYS A 96 -24.82 15.42 -0.98
CA LYS A 96 -25.83 16.37 -0.48
C LYS A 96 -25.89 16.36 1.05
N ARG A 97 -25.76 15.17 1.68
CA ARG A 97 -25.73 15.09 3.14
C ARG A 97 -24.47 15.76 3.72
N ILE A 98 -23.29 15.59 3.12
CA ILE A 98 -22.08 16.26 3.60
C ILE A 98 -22.25 17.77 3.40
N GLU A 99 -22.77 18.18 2.23
CA GLU A 99 -22.98 19.59 1.88
C GLU A 99 -23.75 20.35 2.96
N ASP A 100 -24.84 19.78 3.52
CA ASP A 100 -25.61 20.47 4.57
C ASP A 100 -25.04 20.20 5.98
N ARG A 101 -24.40 19.06 6.19
CA ARG A 101 -23.78 18.77 7.49
C ARG A 101 -22.58 19.68 7.78
N LEU A 102 -21.85 20.16 6.74
CA LEU A 102 -20.69 21.05 6.95
C LEU A 102 -21.09 22.45 7.40
N ILE A 103 -20.26 23.07 8.27
CA ILE A 103 -20.47 24.43 8.76
C ILE A 103 -20.39 25.38 7.58
N LEU A 104 -19.23 25.36 6.88
CA LEU A 104 -18.94 26.20 5.73
C LEU A 104 -18.60 25.33 4.50
N LEU A 105 -19.55 25.17 3.58
CA LEU A 105 -19.34 24.39 2.36
C LEU A 105 -18.49 25.18 1.37
N PRO A 106 -17.23 24.79 1.07
CA PRO A 106 -16.45 25.57 0.09
C PRO A 106 -16.89 25.33 -1.35
N LYS A 107 -16.51 26.26 -2.23
CA LYS A 107 -16.79 26.24 -3.65
C LYS A 107 -15.41 26.34 -4.34
N PRO A 108 -14.86 25.24 -4.91
CA PRO A 108 -15.46 23.90 -5.10
C PRO A 108 -15.32 22.93 -3.93
N LEU A 109 -16.04 21.79 -4.00
CA LEU A 109 -15.89 20.71 -3.00
C LEU A 109 -15.04 19.66 -3.71
N THR A 110 -13.76 19.59 -3.34
CA THR A 110 -12.80 18.68 -4.00
C THR A 110 -12.71 17.32 -3.35
N PHE A 111 -12.65 16.29 -4.18
CA PHE A 111 -12.55 14.90 -3.75
C PHE A 111 -11.26 14.27 -4.29
N CYS A 112 -10.58 13.45 -3.46
CA CYS A 112 -9.45 12.65 -3.92
C CYS A 112 -10.07 11.31 -4.34
N CYS A 113 -9.96 10.93 -5.63
CA CYS A 113 -10.58 9.71 -6.16
C CYS A 113 -9.56 8.70 -6.58
N GLU A 114 -9.79 7.44 -6.22
CA GLU A 114 -8.90 6.37 -6.56
C GLU A 114 -9.62 5.11 -6.93
N PRO A 115 -8.97 4.19 -7.67
CA PRO A 115 -9.60 2.88 -7.86
C PRO A 115 -9.63 2.12 -6.54
N LYS A 116 -10.66 1.28 -6.36
CA LYS A 116 -10.76 0.43 -5.17
C LYS A 116 -10.23 -0.93 -5.58
N LEU A 117 -9.11 -1.34 -5.00
CA LEU A 117 -8.49 -2.61 -5.35
C LEU A 117 -9.16 -3.75 -4.60
N ASP A 118 -9.09 -4.92 -5.18
CA ASP A 118 -9.65 -6.14 -4.63
C ASP A 118 -8.45 -6.90 -3.98
N GLY A 119 -8.03 -6.45 -2.79
CA GLY A 119 -6.86 -7.00 -2.09
C GLY A 119 -6.94 -7.07 -0.58
N LEU A 120 -5.82 -7.44 0.05
CA LEU A 120 -5.72 -7.61 1.50
C LEU A 120 -5.17 -6.38 2.19
N ALA A 121 -5.99 -5.77 3.06
CA ALA A 121 -5.62 -4.58 3.81
C ALA A 121 -4.51 -4.89 4.82
N VAL A 122 -3.43 -4.12 4.77
CA VAL A 122 -2.29 -4.28 5.66
C VAL A 122 -1.85 -2.93 6.25
N SER A 123 -1.01 -3.01 7.28
CA SER A 123 -0.46 -1.84 7.97
C SER A 123 1.01 -2.09 8.11
N ILE A 124 1.88 -1.16 7.67
CA ILE A 124 3.31 -1.35 7.67
C ILE A 124 3.97 -0.23 8.46
N LEU A 125 4.79 -0.59 9.45
CA LEU A 125 5.46 0.39 10.31
C LEU A 125 6.94 0.62 9.95
N TYR A 126 7.30 1.88 9.73
CA TYR A 126 8.69 2.29 9.49
C TYR A 126 9.15 3.08 10.73
N VAL A 127 10.23 2.65 11.39
CA VAL A 127 10.79 3.32 12.57
C VAL A 127 12.14 3.94 12.14
N ASN A 128 12.21 5.29 12.08
CA ASN A 128 13.36 6.06 11.60
C ASN A 128 13.76 5.62 10.20
N GLY A 129 12.74 5.44 9.34
CA GLY A 129 12.91 5.01 7.97
C GLY A 129 13.02 3.52 7.70
N GLU A 130 13.16 2.67 8.71
CA GLU A 130 13.37 1.23 8.48
C GLU A 130 12.10 0.44 8.72
N LEU A 131 11.78 -0.53 7.83
CA LEU A 131 10.60 -1.40 8.02
C LEU A 131 10.83 -2.36 9.21
N THR A 132 10.02 -2.26 10.26
CA THR A 132 10.16 -3.09 11.48
C THR A 132 9.02 -4.05 11.71
N GLN A 133 7.81 -3.70 11.29
CA GLN A 133 6.64 -4.54 11.48
C GLN A 133 5.60 -4.31 10.40
N ALA A 134 4.80 -5.35 10.14
CA ALA A 134 3.67 -5.29 9.22
C ALA A 134 2.56 -6.20 9.75
N ALA A 135 1.32 -5.81 9.60
CA ALA A 135 0.19 -6.56 10.12
C ALA A 135 -1.00 -6.57 9.18
N THR A 136 -1.82 -7.62 9.28
CA THR A 136 -3.05 -7.71 8.51
C THR A 136 -4.06 -6.80 9.18
N ARG A 137 -5.06 -6.38 8.45
CA ARG A 137 -6.08 -5.55 9.05
C ARG A 137 -6.82 -6.35 10.14
N GLY A 138 -7.07 -7.63 9.83
CA GLY A 138 -7.83 -8.51 10.72
C GLY A 138 -9.23 -7.97 10.88
N ASP A 139 -9.68 -7.78 12.13
CA ASP A 139 -11.01 -7.22 12.42
C ASP A 139 -11.04 -5.67 12.46
N GLY A 140 -9.88 -5.05 12.23
CA GLY A 140 -9.73 -3.60 12.29
C GLY A 140 -9.10 -3.15 13.59
N THR A 141 -9.12 -4.02 14.62
CA THR A 141 -8.58 -3.74 15.95
C THR A 141 -7.34 -4.57 16.23
N THR A 142 -7.36 -5.85 15.80
CA THR A 142 -6.25 -6.79 15.97
C THR A 142 -6.04 -7.54 14.65
N GLY A 143 -4.78 -7.81 14.33
CA GLY A 143 -4.40 -8.55 13.13
C GLY A 143 -3.26 -9.49 13.44
N GLU A 144 -2.73 -10.12 12.38
CA GLU A 144 -1.62 -11.06 12.46
C GLU A 144 -0.35 -10.39 12.00
N ASP A 145 0.77 -10.71 12.66
CA ASP A 145 2.09 -10.23 12.30
C ASP A 145 2.54 -10.96 11.03
N ILE A 146 2.61 -10.25 9.87
CA ILE A 146 3.06 -10.81 8.58
C ILE A 146 4.30 -10.06 8.06
N THR A 147 5.14 -9.56 8.96
CA THR A 147 6.36 -8.81 8.64
C THR A 147 7.21 -9.55 7.67
N ALA A 148 7.55 -10.81 7.97
CA ALA A 148 8.40 -11.60 7.09
C ALA A 148 7.79 -11.77 5.71
N ASN A 149 6.47 -11.93 5.62
CA ASN A 149 5.82 -12.07 4.31
C ASN A 149 5.81 -10.74 3.54
N ILE A 150 5.51 -9.64 4.21
CA ILE A 150 5.52 -8.30 3.61
C ILE A 150 6.91 -7.88 3.12
N ARG A 151 7.96 -8.30 3.82
CA ARG A 151 9.32 -7.99 3.41
C ARG A 151 9.68 -8.57 2.09
N THR A 152 9.02 -9.65 1.65
CA THR A 152 9.29 -10.29 0.35
C THR A 152 8.69 -9.51 -0.81
N ILE A 153 7.75 -8.60 -0.56
CA ILE A 153 7.05 -7.89 -1.65
C ILE A 153 8.05 -6.91 -2.27
N ARG A 154 8.37 -7.09 -3.55
CA ARG A 154 9.40 -6.34 -4.27
C ARG A 154 9.21 -4.83 -4.28
N ASN A 155 7.98 -4.34 -4.41
CA ASN A 155 7.73 -2.88 -4.41
C ASN A 155 7.58 -2.27 -3.01
N VAL A 156 7.81 -3.05 -1.94
CA VAL A 156 7.76 -2.55 -0.57
C VAL A 156 9.20 -2.21 -0.15
N PRO A 157 9.52 -0.94 0.14
CA PRO A 157 10.90 -0.60 0.49
C PRO A 157 11.24 -1.05 1.90
N LEU A 158 12.42 -1.58 2.08
CA LEU A 158 12.82 -1.99 3.41
C LEU A 158 13.31 -0.76 4.18
N GLN A 159 13.60 0.33 3.45
CA GLN A 159 14.11 1.59 3.99
C GLN A 159 13.43 2.72 3.22
N LEU A 160 12.86 3.74 3.89
CA LEU A 160 12.26 4.89 3.19
C LEU A 160 13.35 5.68 2.46
N LEU A 161 13.02 6.25 1.31
CA LEU A 161 13.96 6.99 0.46
C LEU A 161 13.90 8.48 0.82
N THR A 162 14.55 8.81 1.92
CA THR A 162 14.62 10.18 2.48
C THR A 162 15.75 10.20 3.52
N ASP A 163 16.50 11.30 3.59
CA ASP A 163 17.56 11.42 4.58
C ASP A 163 17.02 11.82 5.94
N ASN A 164 15.77 12.32 5.97
CA ASN A 164 15.12 12.67 7.23
C ASN A 164 13.76 12.00 7.29
N PRO A 165 13.75 10.69 7.58
CA PRO A 165 12.46 9.98 7.69
C PRO A 165 11.73 10.32 8.99
N PRO A 166 10.40 10.12 9.08
CA PRO A 166 9.70 10.35 10.36
C PRO A 166 10.18 9.43 11.48
N ALA A 167 9.94 9.82 12.74
CA ALA A 167 10.35 8.99 13.87
C ALA A 167 9.61 7.65 13.73
N ARG A 168 8.31 7.73 13.42
CA ARG A 168 7.51 6.56 13.13
C ARG A 168 6.49 6.89 12.07
N LEU A 169 6.32 5.99 11.10
CA LEU A 169 5.34 6.19 10.04
C LEU A 169 4.69 4.88 9.76
N GLU A 170 3.36 4.84 9.84
CA GLU A 170 2.61 3.64 9.57
C GLU A 170 1.89 3.86 8.28
N VAL A 171 2.21 3.04 7.30
CA VAL A 171 1.62 3.11 5.97
C VAL A 171 0.51 2.05 5.93
N ARG A 172 -0.61 2.39 5.35
CA ARG A 172 -1.74 1.49 5.18
C ARG A 172 -1.98 1.30 3.68
N GLY A 173 -2.20 0.07 3.28
CA GLY A 173 -2.46 -0.23 1.89
C GLY A 173 -3.04 -1.60 1.65
N GLU A 174 -3.17 -1.94 0.38
CA GLU A 174 -3.70 -3.23 -0.03
C GLU A 174 -2.65 -3.99 -0.82
N VAL A 175 -2.49 -5.25 -0.47
CA VAL A 175 -1.61 -6.18 -1.18
C VAL A 175 -2.55 -6.88 -2.18
N PHE A 176 -2.10 -6.97 -3.40
CA PHE A 176 -2.84 -7.63 -4.47
C PHE A 176 -1.87 -8.33 -5.41
N MET A 177 -2.45 -9.11 -6.29
CA MET A 177 -1.73 -9.85 -7.30
C MET A 177 -2.19 -9.39 -8.68
N PRO A 178 -1.36 -8.73 -9.48
CA PRO A 178 -1.80 -8.35 -10.84
C PRO A 178 -2.12 -9.59 -11.73
N HIS A 179 -2.90 -9.36 -12.79
CA HIS A 179 -3.36 -10.40 -13.75
C HIS A 179 -2.26 -11.24 -14.35
N ALA A 180 -1.20 -10.59 -14.82
CA ALA A 180 -0.06 -11.29 -15.45
C ALA A 180 0.62 -12.25 -14.48
N GLY A 181 0.79 -11.81 -13.23
CA GLY A 181 1.36 -12.62 -12.15
C GLY A 181 0.49 -13.79 -11.77
N PHE A 182 -0.83 -13.51 -11.64
CA PHE A 182 -1.84 -14.52 -11.36
C PHE A 182 -1.87 -15.60 -12.47
N GLU A 183 -1.84 -15.18 -13.73
CA GLU A 183 -1.84 -16.15 -14.85
C GLU A 183 -0.55 -17.01 -14.81
N ARG A 184 0.60 -16.35 -14.66
CA ARG A 184 1.92 -17.02 -14.54
C ARG A 184 1.89 -18.08 -13.42
N LEU A 185 1.44 -17.68 -12.23
CA LEU A 185 1.35 -18.56 -11.06
C LEU A 185 0.53 -19.80 -11.35
N ASN A 186 -0.66 -19.64 -11.94
CA ASN A 186 -1.50 -20.80 -12.26
C ASN A 186 -0.89 -21.72 -13.33
N LYS A 187 -0.11 -21.19 -14.28
CA LYS A 187 0.56 -22.02 -15.29
C LYS A 187 1.66 -22.83 -14.60
N TYR A 188 2.40 -22.19 -13.67
CA TYR A 188 3.40 -22.86 -12.85
C TYR A 188 2.74 -23.92 -11.96
N ALA A 189 1.62 -23.59 -11.30
CA ALA A 189 0.92 -24.56 -10.44
C ALA A 189 0.45 -25.77 -11.25
N LEU A 190 -0.08 -25.53 -12.45
CA LEU A 190 -0.58 -26.62 -13.28
C LEU A 190 0.59 -27.47 -13.86
N GLU A 191 1.66 -26.80 -14.33
CA GLU A 191 2.90 -27.42 -14.83
C GLU A 191 3.64 -28.25 -13.76
N HIS A 192 3.49 -27.87 -12.47
CA HIS A 192 4.09 -28.58 -11.33
C HIS A 192 3.01 -29.36 -10.55
N ASN A 193 1.92 -29.78 -11.22
CA ASN A 193 0.85 -30.61 -10.62
C ASN A 193 0.39 -30.19 -9.21
N GLU A 194 0.18 -28.90 -9.00
CA GLU A 194 -0.26 -28.32 -7.72
C GLU A 194 -1.61 -27.63 -7.93
N LYS A 195 -2.28 -27.25 -6.83
CA LYS A 195 -3.60 -26.58 -6.89
C LYS A 195 -3.53 -25.17 -7.46
N THR A 196 -4.59 -24.77 -8.19
CA THR A 196 -4.70 -23.44 -8.79
C THR A 196 -5.58 -22.52 -7.92
N PHE A 197 -5.51 -21.22 -8.17
CA PHE A 197 -6.26 -20.21 -7.43
C PHE A 197 -7.41 -19.72 -8.27
N ALA A 198 -8.59 -19.58 -7.67
CA ALA A 198 -9.78 -19.18 -8.41
C ALA A 198 -9.72 -17.77 -8.97
N ASN A 199 -9.12 -16.85 -8.21
CA ASN A 199 -9.04 -15.46 -8.60
C ASN A 199 -7.85 -14.77 -7.91
N PRO A 200 -7.43 -13.59 -8.42
CA PRO A 200 -6.27 -12.90 -7.84
C PRO A 200 -6.37 -12.59 -6.36
N ARG A 201 -7.57 -12.28 -5.86
CA ARG A 201 -7.74 -11.97 -4.43
C ARG A 201 -7.49 -13.20 -3.59
N ASN A 202 -7.98 -14.37 -4.02
CA ASN A 202 -7.72 -15.60 -3.26
C ASN A 202 -6.25 -15.92 -3.32
N ALA A 203 -5.60 -15.71 -4.47
CA ALA A 203 -4.17 -16.01 -4.58
C ALA A 203 -3.33 -15.08 -3.66
N ALA A 204 -3.68 -13.81 -3.58
CA ALA A 204 -2.96 -12.85 -2.72
C ALA A 204 -3.16 -13.20 -1.25
N ALA A 205 -4.42 -13.49 -0.86
CA ALA A 205 -4.77 -13.91 0.51
C ALA A 205 -4.04 -15.17 0.95
N GLY A 206 -3.95 -16.16 0.06
CA GLY A 206 -3.25 -17.41 0.33
C GLY A 206 -1.76 -17.22 0.46
N SER A 207 -1.20 -16.35 -0.38
CA SER A 207 0.23 -16.04 -0.35
C SER A 207 0.63 -15.33 0.96
N LEU A 208 -0.16 -14.36 1.45
CA LEU A 208 0.12 -13.68 2.70
C LEU A 208 -0.07 -14.53 3.98
N ARG A 209 -0.80 -15.66 3.91
CA ARG A 209 -0.95 -16.53 5.08
C ARG A 209 0.06 -17.70 5.05
N GLN A 210 1.04 -17.68 4.13
CA GLN A 210 2.10 -18.68 4.12
C GLN A 210 3.02 -18.41 5.30
N LEU A 211 3.39 -19.47 6.01
CA LEU A 211 4.32 -19.34 7.13
C LEU A 211 5.77 -19.34 6.61
N ASP A 212 6.01 -19.84 5.38
CA ASP A 212 7.35 -19.88 4.80
C ASP A 212 7.53 -18.64 3.91
N PRO A 213 8.36 -17.65 4.34
CA PRO A 213 8.62 -16.47 3.48
C PRO A 213 9.13 -16.82 2.09
N ASN A 214 9.80 -17.95 1.96
CA ASN A 214 10.33 -18.46 0.69
C ASN A 214 9.25 -18.76 -0.33
N ILE A 215 8.06 -19.10 0.13
CA ILE A 215 6.92 -19.36 -0.75
C ILE A 215 6.34 -18.01 -1.16
N THR A 216 6.10 -17.10 -0.19
CA THR A 216 5.56 -15.74 -0.46
C THR A 216 6.40 -15.01 -1.51
N SER A 217 7.72 -15.14 -1.43
CA SER A 217 8.64 -14.48 -2.36
C SER A 217 8.44 -14.92 -3.80
N LYS A 218 8.02 -16.18 -4.02
CA LYS A 218 7.76 -16.72 -5.35
C LYS A 218 6.38 -16.27 -5.89
N ARG A 219 5.52 -15.68 -5.02
CA ARG A 219 4.19 -15.16 -5.35
C ARG A 219 4.29 -13.68 -5.72
N PRO A 220 3.82 -13.29 -6.92
CA PRO A 220 4.03 -11.90 -7.37
C PRO A 220 3.08 -10.87 -6.80
N LEU A 221 3.28 -10.55 -5.54
CA LEU A 221 2.45 -9.61 -4.82
C LEU A 221 2.95 -8.19 -4.99
N VAL A 222 2.04 -7.24 -4.93
CA VAL A 222 2.27 -5.80 -5.12
C VAL A 222 1.56 -5.09 -4.00
N LEU A 223 2.18 -4.06 -3.41
CA LEU A 223 1.49 -3.17 -2.45
C LEU A 223 1.04 -1.93 -3.17
N ASN A 224 -0.14 -1.40 -2.81
CA ASN A 224 -0.55 -0.04 -3.20
C ASN A 224 -1.03 0.63 -1.89
N ALA A 225 -0.33 1.71 -1.50
CA ALA A 225 -0.57 2.47 -0.27
C ALA A 225 -1.69 3.46 -0.49
N TYR A 226 -2.64 3.50 0.43
CA TYR A 226 -3.78 4.43 0.33
C TYR A 226 -3.95 5.30 1.57
N GLY A 227 -3.16 5.07 2.61
CA GLY A 227 -3.33 5.85 3.82
C GLY A 227 -2.16 5.81 4.77
N ILE A 228 -2.28 6.60 5.83
CA ILE A 228 -1.29 6.72 6.89
C ILE A 228 -1.99 6.52 8.24
N GLY A 229 -1.40 5.73 9.13
CA GLY A 229 -1.88 5.57 10.50
C GLY A 229 -1.07 6.50 11.39
N ILE A 230 -0.17 5.93 12.18
CA ILE A 230 0.77 6.69 13.01
C ILE A 230 1.68 7.55 12.10
N ALA A 231 1.95 8.79 12.51
CA ALA A 231 2.89 9.69 11.82
C ALA A 231 3.52 10.65 12.82
N GLU A 232 4.63 10.22 13.43
CA GLU A 232 5.36 10.99 14.44
C GLU A 232 6.64 11.56 13.87
N GLY A 233 6.94 12.80 14.22
CA GLY A 233 8.13 13.51 13.78
C GLY A 233 8.03 13.99 12.35
N VAL A 234 6.83 14.47 11.93
CA VAL A 234 6.61 14.93 10.58
C VAL A 234 5.35 15.81 10.51
N ASP A 235 5.34 16.76 9.57
CA ASP A 235 4.17 17.59 9.36
C ASP A 235 3.53 17.13 8.08
N LEU A 236 2.55 16.25 8.23
CA LEU A 236 1.85 15.69 7.10
C LEU A 236 1.12 16.77 6.32
N PRO A 237 1.11 16.70 4.97
CA PRO A 237 0.30 17.66 4.19
C PRO A 237 -1.16 17.76 4.63
N THR A 238 -1.79 18.89 4.32
CA THR A 238 -3.16 19.19 4.75
C THR A 238 -4.22 18.79 3.73
N THR A 239 -3.85 18.03 2.70
CA THR A 239 -4.78 17.44 1.74
C THR A 239 -4.43 15.98 1.65
N HIS A 240 -5.42 15.17 1.29
CA HIS A 240 -5.23 13.73 1.20
C HIS A 240 -4.33 13.38 -0.01
N TYR A 241 -4.55 14.03 -1.14
CA TYR A 241 -3.75 13.82 -2.35
C TYR A 241 -2.29 14.18 -2.10
N ALA A 242 -2.02 15.33 -1.42
CA ALA A 242 -0.66 15.74 -1.09
C ALA A 242 0.00 14.72 -0.17
N ARG A 243 -0.76 14.11 0.74
CA ARG A 243 -0.21 13.08 1.61
C ARG A 243 0.20 11.82 0.79
N LEU A 244 -0.55 11.46 -0.24
CA LEU A 244 -0.21 10.31 -1.10
C LEU A 244 0.98 10.63 -1.98
N GLN A 245 1.06 11.86 -2.46
CA GLN A 245 2.18 12.32 -3.23
C GLN A 245 3.43 12.33 -2.39
N TRP A 246 3.30 12.67 -1.10
CA TRP A 246 4.43 12.66 -0.16
C TRP A 246 4.92 11.22 0.10
N LEU A 247 4.00 10.26 0.30
CA LEU A 247 4.35 8.83 0.44
C LEU A 247 5.17 8.37 -0.79
N LYS A 248 4.68 8.67 -1.98
CA LYS A 248 5.37 8.33 -3.23
C LYS A 248 6.76 8.96 -3.35
N SER A 249 6.91 10.20 -2.92
CA SER A 249 8.20 10.91 -3.00
C SER A 249 9.25 10.37 -2.00
N ILE A 250 8.82 9.60 -1.01
CA ILE A 250 9.73 8.94 -0.07
C ILE A 250 9.83 7.41 -0.32
N GLY A 251 9.43 6.94 -1.50
CA GLY A 251 9.63 5.54 -1.88
C GLY A 251 8.49 4.56 -1.76
N ILE A 252 7.32 5.00 -1.35
CA ILE A 252 6.18 4.12 -1.12
C ILE A 252 5.31 4.02 -2.36
N PRO A 253 4.96 2.79 -2.79
CA PRO A 253 4.11 2.65 -3.98
C PRO A 253 2.68 3.12 -3.77
N VAL A 254 2.23 4.01 -4.65
CA VAL A 254 0.89 4.57 -4.63
C VAL A 254 0.26 4.34 -6.01
N ASN A 255 -1.06 4.15 -6.07
CA ASN A 255 -1.74 3.93 -7.36
C ASN A 255 -1.64 5.16 -8.30
N PRO A 256 -1.26 4.99 -9.60
CA PRO A 256 -1.13 6.15 -10.50
C PRO A 256 -2.43 6.65 -11.11
N GLU A 257 -3.59 5.98 -10.87
CA GLU A 257 -4.88 6.43 -11.39
C GLU A 257 -5.59 7.41 -10.46
N ILE A 258 -4.97 7.80 -9.36
CA ILE A 258 -5.55 8.73 -8.42
C ILE A 258 -5.68 10.13 -9.04
N ARG A 259 -6.86 10.72 -8.90
CA ARG A 259 -7.12 12.08 -9.37
C ARG A 259 -7.84 12.93 -8.33
N LEU A 260 -7.90 14.26 -8.60
CA LEU A 260 -8.68 15.25 -7.86
C LEU A 260 -9.88 15.62 -8.74
N CYS A 261 -11.09 15.70 -8.17
CA CYS A 261 -12.32 16.04 -8.90
C CYS A 261 -13.12 17.07 -8.12
N ASN A 262 -13.50 18.19 -8.76
CA ASN A 262 -14.31 19.25 -8.10
C ASN A 262 -15.80 19.02 -8.27
N GLY A 263 -16.46 18.58 -7.22
CA GLY A 263 -17.90 18.35 -7.24
C GLY A 263 -18.31 16.99 -7.78
N ALA A 264 -19.52 16.61 -7.41
CA ALA A 264 -20.12 15.32 -7.73
C ALA A 264 -20.14 14.91 -9.19
N ASP A 265 -20.41 15.84 -10.11
CA ASP A 265 -20.50 15.50 -11.53
C ASP A 265 -19.14 15.16 -12.12
N GLU A 266 -18.05 15.77 -11.61
CA GLU A 266 -16.69 15.43 -12.03
C GLU A 266 -16.33 14.04 -11.45
N VAL A 267 -16.66 13.83 -10.17
CA VAL A 267 -16.44 12.55 -9.47
C VAL A 267 -17.17 11.44 -10.20
N LEU A 268 -18.36 11.73 -10.73
CA LEU A 268 -19.09 10.74 -11.50
C LEU A 268 -18.41 10.47 -12.84
N GLY A 269 -17.79 11.48 -13.44
CA GLY A 269 -16.99 11.30 -14.66
C GLY A 269 -15.81 10.38 -14.46
N PHE A 270 -15.08 10.54 -13.33
CA PHE A 270 -13.96 9.67 -12.91
C PHE A 270 -14.42 8.22 -12.78
N TYR A 271 -15.56 8.01 -12.11
CA TYR A 271 -16.14 6.69 -11.90
C TYR A 271 -16.38 6.01 -13.26
N ARG A 272 -16.99 6.74 -14.21
CA ARG A 272 -17.23 6.19 -15.55
C ARG A 272 -15.91 6.01 -16.31
N ASP A 273 -14.93 6.90 -16.12
CA ASP A 273 -13.60 6.73 -16.75
C ASP A 273 -12.95 5.46 -16.26
N ILE A 274 -12.84 5.28 -14.92
CA ILE A 274 -12.26 4.07 -14.34
C ILE A 274 -13.04 2.84 -14.75
N GLN A 275 -14.39 2.95 -14.76
CA GLN A 275 -15.23 1.84 -15.20
C GLN A 275 -14.87 1.43 -16.64
N ASN A 276 -14.59 2.41 -17.52
CA ASN A 276 -14.19 2.12 -18.90
C ASN A 276 -12.75 1.57 -19.00
N LYS A 277 -11.83 2.04 -18.15
CA LYS A 277 -10.43 1.57 -18.11
C LYS A 277 -10.26 0.16 -17.54
N ARG A 278 -11.27 -0.41 -16.83
CA ARG A 278 -11.17 -1.74 -16.22
C ARG A 278 -10.52 -2.80 -17.07
N SER A 279 -10.95 -2.87 -18.33
CA SER A 279 -10.44 -3.82 -19.32
C SER A 279 -8.91 -3.65 -19.59
N SER A 280 -8.35 -2.46 -19.33
CA SER A 280 -6.96 -2.15 -19.57
C SER A 280 -6.05 -2.00 -18.33
N LEU A 281 -6.55 -2.11 -17.07
CA LEU A 281 -5.68 -1.87 -15.89
C LEU A 281 -4.62 -2.95 -15.61
N GLY A 282 -4.95 -4.21 -15.80
CA GLY A 282 -4.03 -5.31 -15.52
C GLY A 282 -4.05 -5.82 -14.09
N TYR A 283 -5.05 -5.43 -13.32
CA TYR A 283 -5.30 -5.90 -11.95
C TYR A 283 -6.77 -5.70 -11.68
N ASP A 284 -7.31 -6.44 -10.75
CA ASP A 284 -8.73 -6.33 -10.41
C ASP A 284 -9.08 -5.15 -9.53
N ILE A 285 -10.21 -4.47 -9.85
CA ILE A 285 -10.80 -3.40 -9.06
C ILE A 285 -12.31 -3.67 -8.91
N ASP A 286 -12.86 -3.28 -7.75
CA ASP A 286 -14.28 -3.44 -7.41
C ASP A 286 -15.12 -2.15 -7.54
N GLY A 287 -14.45 -1.01 -7.60
CA GLY A 287 -15.13 0.27 -7.65
C GLY A 287 -14.16 1.40 -7.54
N THR A 288 -14.61 2.53 -7.00
CA THR A 288 -13.75 3.66 -6.73
C THR A 288 -13.93 4.11 -5.30
N VAL A 289 -12.88 4.64 -4.68
CA VAL A 289 -12.92 5.19 -3.33
C VAL A 289 -12.87 6.69 -3.50
N LEU A 290 -13.89 7.37 -2.99
CA LEU A 290 -14.05 8.81 -3.14
C LEU A 290 -13.97 9.43 -1.79
N LYS A 291 -12.99 10.31 -1.55
CA LYS A 291 -12.76 10.93 -0.25
C LYS A 291 -12.77 12.43 -0.34
N ILE A 292 -13.23 13.10 0.72
CA ILE A 292 -13.13 14.56 0.81
C ILE A 292 -11.60 14.79 0.89
N ASN A 293 -11.07 15.64 0.01
CA ASN A 293 -9.65 15.90 -0.06
C ASN A 293 -9.10 16.75 1.07
N ASP A 294 -9.80 17.80 1.48
CA ASP A 294 -9.31 18.69 2.55
C ASP A 294 -9.36 18.01 3.89
N ILE A 295 -8.21 17.94 4.56
CA ILE A 295 -8.06 17.25 5.85
C ILE A 295 -8.88 17.90 6.98
N ALA A 296 -8.90 19.24 7.08
CA ALA A 296 -9.70 19.90 8.12
C ALA A 296 -11.18 19.52 7.96
N LEU A 297 -11.71 19.43 6.70
CA LEU A 297 -13.09 19.01 6.48
C LEU A 297 -13.34 17.56 6.91
N GLN A 298 -12.34 16.65 6.77
CA GLN A 298 -12.46 15.25 7.19
C GLN A 298 -12.59 15.20 8.69
N ASN A 299 -11.73 15.94 9.37
CA ASN A 299 -11.75 16.02 10.82
C ASN A 299 -13.10 16.59 11.30
N GLU A 300 -13.60 17.64 10.65
CA GLU A 300 -14.90 18.25 10.97
C GLU A 300 -16.02 17.23 10.80
N LEU A 301 -16.00 16.46 9.69
CA LEU A 301 -17.02 15.46 9.43
C LEU A 301 -16.89 14.25 10.37
N GLY A 302 -15.67 13.83 10.65
CA GLY A 302 -15.42 12.72 11.57
C GLY A 302 -15.83 11.35 11.08
N PHE A 303 -16.10 10.44 12.05
CA PHE A 303 -16.49 9.05 11.81
C PHE A 303 -17.90 8.76 12.27
N ILE A 304 -18.42 7.63 11.81
CA ILE A 304 -19.69 7.05 12.21
C ILE A 304 -19.33 5.70 12.80
N SER A 305 -19.67 5.45 14.06
CA SER A 305 -19.41 4.18 14.74
C SER A 305 -20.35 3.11 14.20
N LYS A 306 -20.08 1.81 14.48
CA LYS A 306 -20.95 0.71 14.01
C LYS A 306 -22.40 1.06 14.37
N ALA A 307 -23.21 1.33 13.34
CA ALA A 307 -24.56 1.79 13.50
C ALA A 307 -25.46 1.22 12.42
N PRO A 308 -26.78 1.14 12.65
CA PRO A 308 -27.68 0.70 11.57
C PRO A 308 -27.88 1.78 10.55
N ARG A 309 -28.07 1.36 9.29
CA ARG A 309 -28.36 2.31 8.21
C ARG A 309 -29.83 2.73 8.21
N TRP A 310 -30.67 2.06 9.00
CA TRP A 310 -32.11 2.25 9.02
C TRP A 310 -32.62 3.21 10.08
N ALA A 311 -31.73 3.70 10.97
CA ALA A 311 -32.08 4.62 12.03
C ALA A 311 -31.20 5.87 12.00
N ILE A 312 -31.74 6.96 12.51
CA ILE A 312 -31.00 8.19 12.69
C ILE A 312 -31.61 8.99 13.84
N ALA A 313 -30.75 9.63 14.63
CA ALA A 313 -31.13 10.49 15.71
C ALA A 313 -31.09 11.96 15.24
N TYR A 314 -32.24 12.58 14.97
CA TYR A 314 -32.27 14.00 14.61
C TYR A 314 -32.27 14.75 15.94
N LYS A 315 -31.12 15.30 16.29
CA LYS A 315 -30.90 16.03 17.51
C LYS A 315 -31.43 17.46 17.40
N PHE A 316 -31.81 18.06 18.54
CA PHE A 316 -32.31 19.43 18.58
C PHE A 316 -31.17 20.40 18.65
N PRO A 317 -31.33 21.59 18.04
CA PRO A 317 -30.27 22.62 18.17
C PRO A 317 -30.40 23.31 19.52
N ALA A 318 -29.26 23.70 20.11
CA ALA A 318 -29.27 24.39 21.41
C ALA A 318 -29.72 25.85 21.24
#